data_2IDO
#
_entry.id   2IDO
#
_cell.length_a   77.289
_cell.length_b   77.289
_cell.length_c   212.978
_cell.angle_alpha   90.00
_cell.angle_beta   90.00
_cell.angle_gamma   90.00
#
_symmetry.space_group_name_H-M   'P 43 21 2'
#
loop_
_entity.id
_entity.type
_entity.pdbx_description
1 polymer 'DNA polymerase III epsilon subunit'
2 polymer 'Hot protein'
3 non-polymer 'MANGANESE (II) ION'
4 non-polymer "THYMIDINE-5'-PHOSPHATE"
5 non-polymer 1,2-ETHANEDIOL
6 water water
#
loop_
_entity_poly.entity_id
_entity_poly.type
_entity_poly.pdbx_seq_one_letter_code
_entity_poly.pdbx_strand_id
1 'polypeptide(L)'
;MSTAITRQIVLDTETTGMNQIGAHYEGHKIIEIGAVEVVNRRLTGNNFHVYLKPDRLVDPEAFGVHGIADEFLLDKPTFA
EVADEFMDYIRGAELVIHNAAFDIGFMDYEFSLLKRDIPKTNTFCKVTDSLAVARKMFPGKRNSLDALCARYEIDNSKRT
LHGALLDAQILAEVYLAMTGGQTSMA
;
A,C
2 'polypeptide(L)'
;MYDWNIAAKSQEERDKVNVDLAASGVAYKERLNIPVIAEQVAREQPENLRTYFMERLRHYRQLSLQLPKGSDPAYQKDDA
VKK
;
B,D
#
loop_
_chem_comp.id
_chem_comp.type
_chem_comp.name
_chem_comp.formula
EDO non-polymer 1,2-ETHANEDIOL 'C2 H6 O2'
MN non-polymer 'MANGANESE (II) ION' 'Mn 2'
TMP non-polymer THYMIDINE-5'-PHOSPHATE 'C10 H15 N2 O8 P'
#
# COMPACT_ATOMS: atom_id res chain seq x y z
N THR A 6 -0.44 -20.54 -4.18
CA THR A 6 -0.38 -19.33 -3.31
C THR A 6 0.29 -19.66 -1.97
N ARG A 7 0.56 -18.63 -1.18
CA ARG A 7 1.19 -18.78 0.12
C ARG A 7 0.65 -17.74 1.09
N GLN A 8 0.57 -18.12 2.36
CA GLN A 8 0.06 -17.20 3.38
C GLN A 8 1.12 -16.82 4.39
N ILE A 9 1.14 -15.55 4.75
CA ILE A 9 2.09 -15.05 5.74
C ILE A 9 1.27 -14.46 6.88
N VAL A 10 1.34 -15.13 8.04
CA VAL A 10 0.64 -14.66 9.22
C VAL A 10 1.63 -13.68 9.83
N LEU A 11 1.22 -12.42 9.92
CA LEU A 11 2.11 -11.37 10.40
C LEU A 11 1.60 -10.51 11.56
N ASP A 12 2.56 -9.96 12.30
CA ASP A 12 2.25 -9.09 13.42
C ASP A 12 3.43 -8.14 13.59
N THR A 13 3.18 -7.00 14.24
CA THR A 13 4.21 -6.01 14.49
C THR A 13 4.07 -5.43 15.89
N GLU A 14 5.18 -4.93 16.41
CA GLU A 14 5.17 -4.25 17.70
C GLU A 14 5.59 -2.83 17.33
N THR A 15 5.10 -1.85 18.06
CA THR A 15 5.38 -0.46 17.76
C THR A 15 5.76 0.33 19.01
N THR A 16 6.11 1.59 18.82
CA THR A 16 6.47 2.47 19.92
C THR A 16 5.20 2.89 20.66
N GLY A 17 4.05 2.56 20.08
CA GLY A 17 2.78 2.91 20.68
C GLY A 17 1.73 3.17 19.60
N MET A 18 0.75 3.99 19.94
CA MET A 18 -0.32 4.30 19.00
C MET A 18 -1.14 5.48 19.49
N ASN A 19 -1.83 6.16 18.58
CA ASN A 19 -2.64 7.30 18.97
C ASN A 19 -4.08 6.87 19.24
N GLN A 20 -4.62 7.36 20.34
CA GLN A 20 -5.98 7.06 20.76
C GLN A 20 -6.98 7.68 19.80
N ILE A 21 -6.60 8.83 19.23
CA ILE A 21 -7.45 9.57 18.30
C ILE A 21 -6.67 9.87 17.02
N GLY A 22 -7.39 10.09 15.92
CA GLY A 22 -6.72 10.38 14.66
C GLY A 22 -5.98 9.19 14.08
N ALA A 23 -5.11 9.44 13.10
CA ALA A 23 -4.34 8.36 12.49
C ALA A 23 -3.56 7.67 13.60
N HIS A 24 -3.88 6.40 13.82
CA HIS A 24 -3.24 5.65 14.90
C HIS A 24 -1.72 5.53 14.86
N TYR A 25 -1.14 5.62 13.67
CA TYR A 25 0.31 5.47 13.50
C TYR A 25 1.13 6.75 13.52
N GLU A 26 0.49 7.87 13.22
CA GLU A 26 1.15 9.17 13.16
C GLU A 26 2.17 9.41 14.29
N GLY A 27 3.42 9.61 13.91
CA GLY A 27 4.46 9.87 14.89
C GLY A 27 4.97 8.67 15.65
N HIS A 28 4.53 7.48 15.30
CA HIS A 28 5.00 6.28 15.98
C HIS A 28 5.82 5.46 15.00
N LYS A 29 6.40 4.36 15.47
CA LYS A 29 7.24 3.53 14.60
C LYS A 29 7.16 2.04 14.90
N ILE A 30 7.38 1.23 13.86
CA ILE A 30 7.39 -0.22 14.03
C ILE A 30 8.76 -0.54 14.64
N ILE A 31 8.78 -1.40 15.65
CA ILE A 31 10.05 -1.78 16.27
C ILE A 31 10.33 -3.27 16.14
N GLU A 32 9.31 -4.01 15.71
CA GLU A 32 9.46 -5.44 15.50
C GLU A 32 8.45 -5.96 14.47
N ILE A 33 8.93 -6.83 13.60
CA ILE A 33 8.07 -7.43 12.60
C ILE A 33 8.28 -8.92 12.71
N GLY A 34 7.18 -9.65 12.84
CA GLY A 34 7.27 -11.09 12.93
C GLY A 34 6.26 -11.68 11.95
N ALA A 35 6.67 -12.72 11.22
CA ALA A 35 5.78 -13.34 10.25
C ALA A 35 6.15 -14.78 10.01
N VAL A 36 5.13 -15.64 9.88
CA VAL A 36 5.37 -17.06 9.64
C VAL A 36 4.62 -17.50 8.39
N GLU A 37 5.31 -18.22 7.52
CA GLU A 37 4.72 -18.70 6.27
C GLU A 37 3.89 -19.96 6.43
N VAL A 38 2.78 -20.00 5.70
CA VAL A 38 1.89 -21.16 5.72
C VAL A 38 1.52 -21.50 4.28
N VAL A 39 1.75 -22.75 3.90
CA VAL A 39 1.44 -23.22 2.56
C VAL A 39 0.74 -24.58 2.68
N ASN A 40 -0.47 -24.67 2.15
CA ASN A 40 -1.26 -25.90 2.22
C ASN A 40 -1.56 -26.22 3.68
N ARG A 41 -1.88 -25.18 4.44
CA ARG A 41 -2.20 -25.31 5.86
C ARG A 41 -1.05 -25.89 6.67
N ARG A 42 0.18 -25.70 6.19
CA ARG A 42 1.35 -26.19 6.90
C ARG A 42 2.38 -25.08 7.13
N LEU A 43 2.99 -25.08 8.32
CA LEU A 43 4.01 -24.09 8.65
C LEU A 43 5.29 -24.52 7.97
N THR A 44 5.68 -23.79 6.93
CA THR A 44 6.88 -24.12 6.15
C THR A 44 8.19 -23.89 6.88
N GLY A 45 8.24 -22.90 7.76
CA GLY A 45 9.46 -22.62 8.48
C GLY A 45 10.20 -21.45 7.85
N ASN A 46 9.73 -21.00 6.70
CA ASN A 46 10.34 -19.86 6.01
C ASN A 46 9.76 -18.60 6.69
N ASN A 47 10.32 -18.27 7.85
CA ASN A 47 9.85 -17.12 8.63
C ASN A 47 10.72 -15.86 8.52
N PHE A 48 10.14 -14.73 8.92
CA PHE A 48 10.81 -13.44 8.88
C PHE A 48 10.72 -12.78 10.26
N HIS A 49 11.83 -12.24 10.74
CA HIS A 49 11.84 -11.61 12.07
C HIS A 49 12.93 -10.54 12.19
N VAL A 50 12.52 -9.31 12.49
CA VAL A 50 13.48 -8.22 12.65
C VAL A 50 13.05 -7.21 13.70
N TYR A 51 14.03 -6.63 14.38
CA TYR A 51 13.79 -5.60 15.37
C TYR A 51 14.31 -4.35 14.67
N LEU A 52 13.65 -3.22 14.89
CA LEU A 52 14.04 -2.00 14.21
C LEU A 52 14.32 -0.84 15.13
N LYS A 53 15.32 -0.04 14.76
CA LYS A 53 15.70 1.13 15.54
C LYS A 53 14.77 2.28 15.20
N PRO A 54 14.01 2.78 16.18
CA PRO A 54 13.10 3.89 15.92
C PRO A 54 13.85 5.20 16.11
N ASP A 55 13.29 6.28 15.61
CA ASP A 55 13.94 7.58 15.74
C ASP A 55 13.25 8.30 16.88
N ARG A 56 12.76 7.52 17.85
CA ARG A 56 12.06 8.07 19.00
C ARG A 56 12.01 7.05 20.12
N LEU A 57 11.46 7.46 21.25
CA LEU A 57 11.37 6.60 22.42
C LEU A 57 10.12 5.74 22.39
N VAL A 58 10.18 4.61 23.07
CA VAL A 58 9.05 3.70 23.17
C VAL A 58 8.15 4.26 24.28
N ASP A 59 6.85 4.32 24.05
CA ASP A 59 5.96 4.79 25.10
C ASP A 59 5.98 3.75 26.21
N PRO A 60 6.02 4.19 27.48
CA PRO A 60 6.04 3.26 28.59
C PRO A 60 4.92 2.24 28.48
N GLU A 61 3.75 2.71 28.03
CA GLU A 61 2.61 1.82 27.88
C GLU A 61 2.96 0.71 26.90
N ALA A 62 3.51 1.08 25.75
CA ALA A 62 3.89 0.09 24.74
C ALA A 62 4.88 -0.91 25.34
N PHE A 63 5.81 -0.41 26.14
CA PHE A 63 6.78 -1.30 26.77
C PHE A 63 6.05 -2.27 27.67
N GLY A 64 4.93 -1.84 28.24
CA GLY A 64 4.17 -2.70 29.12
C GLY A 64 3.63 -3.91 28.37
N VAL A 65 3.42 -3.75 27.08
CA VAL A 65 2.90 -4.83 26.25
C VAL A 65 3.96 -5.78 25.67
N HIS A 66 4.97 -5.22 25.02
CA HIS A 66 5.99 -6.05 24.38
C HIS A 66 7.33 -6.19 25.10
N GLY A 67 7.60 -5.33 26.08
CA GLY A 67 8.86 -5.42 26.80
C GLY A 67 10.10 -5.17 25.95
N ILE A 68 9.93 -4.40 24.87
CA ILE A 68 11.07 -4.08 24.00
C ILE A 68 11.59 -2.72 24.41
N ALA A 69 12.80 -2.70 24.97
CA ALA A 69 13.43 -1.49 25.49
C ALA A 69 14.15 -0.63 24.46
N ASP A 70 14.22 0.68 24.75
CA ASP A 70 14.92 1.61 23.87
C ASP A 70 16.38 1.14 23.79
N GLU A 71 16.92 0.71 24.93
CA GLU A 71 18.31 0.25 24.99
C GLU A 71 18.59 -0.90 24.02
N PHE A 72 17.59 -1.75 23.84
CA PHE A 72 17.70 -2.91 22.97
C PHE A 72 17.69 -2.56 21.48
N LEU A 73 16.99 -1.49 21.13
CA LEU A 73 16.87 -1.07 19.74
C LEU A 73 17.98 -0.20 19.16
N LEU A 74 18.87 0.30 20.01
CA LEU A 74 19.94 1.18 19.55
C LEU A 74 20.88 0.64 18.47
N ASP A 75 21.18 -0.65 18.51
CA ASP A 75 22.09 -1.25 17.53
C ASP A 75 21.37 -1.94 16.38
N LYS A 76 20.06 -1.78 16.31
CA LYS A 76 19.26 -2.42 15.27
C LYS A 76 19.12 -1.62 13.98
N PRO A 77 18.80 -2.30 12.87
CA PRO A 77 18.65 -1.59 11.60
C PRO A 77 17.36 -0.77 11.63
N THR A 78 17.25 0.18 10.71
CA THR A 78 16.06 1.02 10.62
C THR A 78 15.11 0.37 9.63
N PHE A 79 13.89 0.90 9.51
CA PHE A 79 12.93 0.34 8.57
C PHE A 79 13.47 0.42 7.14
N ALA A 80 14.10 1.55 6.82
CA ALA A 80 14.67 1.78 5.50
C ALA A 80 15.65 0.68 5.12
N GLU A 81 16.47 0.25 6.09
CA GLU A 81 17.45 -0.78 5.82
C GLU A 81 16.88 -2.16 5.54
N VAL A 82 15.73 -2.49 6.11
CA VAL A 82 15.12 -3.81 5.89
C VAL A 82 13.97 -3.78 4.89
N ALA A 83 13.55 -2.58 4.50
CA ALA A 83 12.41 -2.42 3.59
C ALA A 83 12.30 -3.42 2.44
N ASP A 84 13.31 -3.46 1.56
CA ASP A 84 13.29 -4.37 0.43
C ASP A 84 13.29 -5.84 0.81
N GLU A 85 14.09 -6.20 1.80
CA GLU A 85 14.15 -7.59 2.25
C GLU A 85 12.77 -7.95 2.77
N PHE A 86 12.11 -6.98 3.41
CA PHE A 86 10.78 -7.18 3.97
C PHE A 86 9.76 -7.34 2.85
N MET A 87 9.80 -6.43 1.87
CA MET A 87 8.87 -6.51 0.76
C MET A 87 9.07 -7.77 -0.07
N ASP A 88 10.32 -8.12 -0.33
CA ASP A 88 10.62 -9.32 -1.10
C ASP A 88 9.94 -10.51 -0.44
N TYR A 89 10.01 -10.57 0.88
CA TYR A 89 9.44 -11.68 1.65
C TYR A 89 7.92 -11.84 1.62
N ILE A 90 7.18 -10.73 1.69
CA ILE A 90 5.72 -10.80 1.70
C ILE A 90 5.05 -10.65 0.35
N ARG A 91 5.71 -9.98 -0.59
N ARG A 91 5.71 -9.98 -0.59
CA ARG A 91 5.14 -9.74 -1.91
CA ARG A 91 5.14 -9.74 -1.91
C ARG A 91 4.41 -10.94 -2.53
C ARG A 91 4.41 -10.94 -2.53
N GLY A 92 3.19 -10.68 -2.98
CA GLY A 92 2.39 -11.72 -3.61
C GLY A 92 1.65 -12.65 -2.67
N ALA A 93 2.09 -12.74 -1.43
CA ALA A 93 1.46 -13.63 -0.48
C ALA A 93 0.18 -13.04 0.12
N GLU A 94 -0.62 -13.90 0.74
CA GLU A 94 -1.83 -13.45 1.40
C GLU A 94 -1.42 -13.19 2.83
N LEU A 95 -1.55 -11.94 3.27
CA LEU A 95 -1.19 -11.59 4.63
C LEU A 95 -2.40 -11.80 5.53
N VAL A 96 -2.16 -12.47 6.65
CA VAL A 96 -3.20 -12.74 7.63
C VAL A 96 -2.81 -11.99 8.87
N ILE A 97 -3.57 -10.96 9.21
CA ILE A 97 -3.26 -10.11 10.36
C ILE A 97 -4.48 -9.89 11.25
N HIS A 98 -4.29 -9.98 12.57
CA HIS A 98 -5.41 -9.77 13.49
C HIS A 98 -5.59 -8.26 13.66
N ASN A 99 -6.69 -7.77 13.12
CA ASN A 99 -7.01 -6.35 13.08
C ASN A 99 -6.01 -5.75 12.11
N ALA A 100 -6.05 -6.25 10.89
CA ALA A 100 -5.15 -5.85 9.82
C ALA A 100 -4.99 -4.35 9.63
N ALA A 101 -6.06 -3.59 9.86
CA ALA A 101 -5.99 -2.15 9.70
C ALA A 101 -4.85 -1.52 10.51
N PHE A 102 -4.60 -2.05 11.70
CA PHE A 102 -3.54 -1.52 12.55
C PHE A 102 -2.17 -1.65 11.90
N ASP A 103 -1.77 -2.88 11.61
CA ASP A 103 -0.46 -3.13 11.01
C ASP A 103 -0.27 -2.62 9.60
N ILE A 104 -1.31 -2.73 8.77
CA ILE A 104 -1.20 -2.27 7.39
C ILE A 104 -0.99 -0.76 7.41
N GLY A 105 -1.72 -0.07 8.28
CA GLY A 105 -1.58 1.36 8.39
C GLY A 105 -0.15 1.71 8.77
N PHE A 106 0.42 0.95 9.70
CA PHE A 106 1.80 1.18 10.14
C PHE A 106 2.79 0.85 9.02
N MET A 107 2.57 -0.26 8.34
CA MET A 107 3.45 -0.66 7.25
C MET A 107 3.45 0.36 6.12
N ASP A 108 2.27 0.77 5.66
CA ASP A 108 2.19 1.75 4.58
C ASP A 108 2.77 3.09 5.06
N TYR A 109 2.60 3.40 6.34
CA TYR A 109 3.15 4.63 6.90
C TYR A 109 4.67 4.62 6.76
N GLU A 110 5.29 3.55 7.25
CA GLU A 110 6.74 3.43 7.17
C GLU A 110 7.26 3.43 5.72
N PHE A 111 6.55 2.76 4.81
CA PHE A 111 6.97 2.75 3.40
C PHE A 111 6.87 4.15 2.81
N SER A 112 5.84 4.90 3.18
CA SER A 112 5.68 6.24 2.65
C SER A 112 6.81 7.17 3.12
N LEU A 113 7.37 6.87 4.29
CA LEU A 113 8.46 7.69 4.81
C LEU A 113 9.75 7.50 4.01
N LEU A 114 9.84 6.39 3.28
CA LEU A 114 11.03 6.12 2.47
C LEU A 114 11.11 6.99 1.22
N LYS A 115 10.00 7.63 0.86
CA LYS A 115 9.96 8.47 -0.32
C LYS A 115 10.40 7.74 -1.60
N ARG A 116 9.88 6.52 -1.78
CA ARG A 116 10.21 5.74 -2.97
C ARG A 116 8.93 5.42 -3.74
N ASP A 117 7.90 6.22 -3.51
CA ASP A 117 6.61 6.06 -4.17
C ASP A 117 6.13 4.61 -4.10
N ILE A 118 6.47 3.91 -3.03
CA ILE A 118 6.06 2.53 -2.89
C ILE A 118 4.53 2.45 -2.86
N PRO A 119 3.93 1.54 -3.64
CA PRO A 119 2.47 1.45 -3.63
C PRO A 119 1.95 0.85 -2.32
N LYS A 120 0.67 1.07 -2.05
CA LYS A 120 0.02 0.55 -0.85
C LYS A 120 0.16 -0.96 -0.77
N THR A 121 0.46 -1.47 0.42
CA THR A 121 0.64 -2.90 0.61
C THR A 121 -0.49 -3.73 -0.02
N ASN A 122 -1.71 -3.22 0.09
CA ASN A 122 -2.90 -3.90 -0.42
C ASN A 122 -2.88 -4.12 -1.93
N THR A 123 -1.95 -3.48 -2.64
CA THR A 123 -1.87 -3.64 -4.08
C THR A 123 -0.96 -4.78 -4.52
N PHE A 124 -0.08 -5.26 -3.64
CA PHE A 124 0.82 -6.35 -4.00
C PHE A 124 0.72 -7.54 -3.05
N CYS A 125 -0.28 -7.49 -2.18
CA CYS A 125 -0.52 -8.56 -1.21
C CYS A 125 -2.01 -8.65 -0.95
N LYS A 126 -2.52 -9.86 -0.77
CA LYS A 126 -3.93 -9.97 -0.45
C LYS A 126 -3.92 -9.77 1.06
N VAL A 127 -4.80 -8.92 1.56
CA VAL A 127 -4.85 -8.67 2.99
C VAL A 127 -6.06 -9.30 3.66
N THR A 128 -5.82 -10.27 4.54
CA THR A 128 -6.90 -10.93 5.24
C THR A 128 -6.87 -10.55 6.72
N ASP A 129 -7.99 -10.03 7.21
CA ASP A 129 -8.10 -9.61 8.60
C ASP A 129 -8.69 -10.76 9.43
N SER A 130 -7.84 -11.43 10.19
CA SER A 130 -8.27 -12.55 11.00
C SER A 130 -9.30 -12.14 12.06
N LEU A 131 -9.31 -10.87 12.44
CA LEU A 131 -10.28 -10.40 13.42
C LEU A 131 -11.66 -10.35 12.77
N ALA A 132 -11.70 -9.99 11.48
CA ALA A 132 -12.96 -9.94 10.74
C ALA A 132 -13.46 -11.36 10.51
N VAL A 133 -12.54 -12.27 10.21
CA VAL A 133 -12.88 -13.67 9.99
C VAL A 133 -13.43 -14.25 11.31
N ALA A 134 -12.82 -13.87 12.42
CA ALA A 134 -13.26 -14.38 13.72
C ALA A 134 -14.64 -13.85 14.09
N ARG A 135 -14.90 -12.59 13.75
CA ARG A 135 -16.18 -11.98 14.07
C ARG A 135 -17.33 -12.58 13.27
N LYS A 136 -17.06 -12.95 12.03
CA LYS A 136 -18.08 -13.57 11.19
C LYS A 136 -18.34 -14.98 11.69
N MET A 137 -17.28 -15.61 12.19
CA MET A 137 -17.33 -16.97 12.69
C MET A 137 -17.93 -17.09 14.10
N PHE A 138 -17.68 -16.08 14.93
CA PHE A 138 -18.17 -16.06 16.29
C PHE A 138 -18.80 -14.70 16.61
N PRO A 139 -19.92 -14.37 15.94
CA PRO A 139 -20.59 -13.09 16.19
C PRO A 139 -21.05 -12.91 17.64
N GLY A 140 -20.87 -11.70 18.16
CA GLY A 140 -21.28 -11.41 19.53
C GLY A 140 -20.33 -11.94 20.59
N LYS A 141 -19.24 -12.55 20.16
CA LYS A 141 -18.25 -13.11 21.08
C LYS A 141 -17.01 -12.22 21.14
N ARG A 142 -16.13 -12.52 22.09
CA ARG A 142 -14.90 -11.76 22.20
C ARG A 142 -13.96 -12.44 21.23
N ASN A 143 -13.32 -11.65 20.36
CA ASN A 143 -12.43 -12.24 19.37
C ASN A 143 -11.00 -11.73 19.34
N SER A 144 -10.48 -11.29 20.48
CA SER A 144 -9.09 -10.85 20.54
C SER A 144 -8.27 -12.12 20.39
N LEU A 145 -6.96 -11.98 20.25
CA LEU A 145 -6.10 -13.14 20.12
C LEU A 145 -6.17 -14.01 21.38
N ASP A 146 -6.20 -13.37 22.55
CA ASP A 146 -6.29 -14.11 23.80
C ASP A 146 -7.62 -14.86 23.92
N ALA A 147 -8.71 -14.20 23.53
CA ALA A 147 -10.01 -14.84 23.63
C ALA A 147 -10.06 -16.08 22.72
N LEU A 148 -9.54 -15.93 21.50
CA LEU A 148 -9.52 -17.04 20.55
C LEU A 148 -8.67 -18.19 21.08
N CYS A 149 -7.56 -17.87 21.74
CA CYS A 149 -6.73 -18.92 22.30
C CYS A 149 -7.50 -19.67 23.38
N ALA A 150 -8.26 -18.94 24.19
CA ALA A 150 -9.04 -19.56 25.24
C ALA A 150 -10.12 -20.44 24.60
N ARG A 151 -10.74 -19.93 23.54
CA ARG A 151 -11.79 -20.65 22.82
C ARG A 151 -11.27 -21.98 22.29
N TYR A 152 -10.11 -21.95 21.66
CA TYR A 152 -9.51 -23.15 21.10
C TYR A 152 -8.60 -23.86 22.09
N GLU A 153 -8.71 -23.48 23.36
CA GLU A 153 -7.91 -24.08 24.43
C GLU A 153 -6.43 -24.25 24.10
N ILE A 154 -5.81 -23.17 23.61
CA ILE A 154 -4.40 -23.16 23.27
C ILE A 154 -3.63 -22.54 24.44
N ASP A 155 -2.66 -23.25 24.99
CA ASP A 155 -1.90 -22.75 26.11
C ASP A 155 -0.65 -21.98 25.74
N ASN A 156 -0.53 -20.77 26.29
CA ASN A 156 0.63 -19.91 26.02
C ASN A 156 1.11 -19.22 27.30
N SER A 157 1.54 -20.02 28.28
CA SER A 157 2.02 -19.49 29.54
C SER A 157 3.51 -19.14 29.43
C ARG A 159 2.69 -13.39 27.29
N LEU A 161 4.74 -11.51 28.33
CA LEU A 161 5.16 -10.54 27.33
C LEU A 161 4.79 -10.93 25.90
N HIS A 162 4.26 -9.96 25.17
CA HIS A 162 3.89 -10.16 23.78
C HIS A 162 5.09 -9.91 22.87
N GLY A 163 5.05 -10.50 21.68
CA GLY A 163 6.13 -10.33 20.73
C GLY A 163 5.54 -10.47 19.34
N ALA A 164 6.11 -9.78 18.36
CA ALA A 164 5.59 -9.84 17.00
C ALA A 164 5.65 -11.26 16.46
N LEU A 165 6.83 -11.88 16.52
CA LEU A 165 7.00 -13.23 16.02
C LEU A 165 6.14 -14.19 16.82
N LEU A 166 6.17 -14.02 18.14
CA LEU A 166 5.39 -14.86 19.04
C LEU A 166 3.91 -14.73 18.69
N ASP A 167 3.42 -13.49 18.57
CA ASP A 167 2.03 -13.25 18.25
C ASP A 167 1.67 -13.79 16.86
N ALA A 168 2.63 -13.80 15.95
CA ALA A 168 2.37 -14.31 14.60
C ALA A 168 2.20 -15.83 14.66
N GLN A 169 3.08 -16.49 15.40
CA GLN A 169 3.01 -17.95 15.53
C GLN A 169 1.70 -18.35 16.17
N ILE A 170 1.31 -17.62 17.20
CA ILE A 170 0.07 -17.91 17.89
C ILE A 170 -1.11 -17.66 16.96
N LEU A 171 -1.11 -16.54 16.24
CA LEU A 171 -2.20 -16.24 15.32
C LEU A 171 -2.30 -17.33 14.25
N ALA A 172 -1.15 -17.86 13.85
CA ALA A 172 -1.13 -18.90 12.83
C ALA A 172 -1.87 -20.15 13.30
N GLU A 173 -1.65 -20.55 14.54
CA GLU A 173 -2.32 -21.72 15.09
C GLU A 173 -3.80 -21.41 15.20
N VAL A 174 -4.13 -20.23 15.70
CA VAL A 174 -5.53 -19.83 15.82
C VAL A 174 -6.22 -19.78 14.46
N TYR A 175 -5.56 -19.17 13.48
CA TYR A 175 -6.16 -19.05 12.15
C TYR A 175 -6.39 -20.40 11.50
N LEU A 176 -5.42 -21.30 11.65
CA LEU A 176 -5.56 -22.63 11.08
C LEU A 176 -6.76 -23.32 11.71
N ALA A 177 -6.90 -23.19 13.03
CA ALA A 177 -8.02 -23.79 13.73
C ALA A 177 -9.33 -23.19 13.21
N MET A 178 -9.35 -21.88 13.05
CA MET A 178 -10.52 -21.17 12.57
C MET A 178 -10.97 -21.55 11.17
N THR A 179 -10.01 -21.89 10.32
CA THR A 179 -10.31 -22.24 8.94
C THR A 179 -10.27 -23.74 8.65
N GLY A 180 -10.06 -24.54 9.69
CA GLY A 180 -10.00 -25.97 9.49
C GLY A 180 -11.37 -26.62 9.28
N TYR B 2 24.22 -7.99 4.49
CA TYR B 2 23.13 -8.53 3.62
C TYR B 2 21.79 -8.73 4.34
N ASP B 3 21.45 -9.98 4.62
CA ASP B 3 20.17 -10.29 5.29
C ASP B 3 20.10 -9.95 6.77
N TRP B 4 19.03 -9.25 7.15
CA TRP B 4 18.81 -8.86 8.53
C TRP B 4 17.92 -9.87 9.27
N ASN B 5 17.13 -10.62 8.49
CA ASN B 5 16.22 -11.61 9.06
C ASN B 5 16.84 -12.43 10.18
N ILE B 6 16.31 -12.27 11.37
CA ILE B 6 16.79 -12.96 12.55
C ILE B 6 16.40 -14.44 12.55
N ALA B 7 15.25 -14.73 11.92
CA ALA B 7 14.76 -16.10 11.86
C ALA B 7 15.70 -17.01 11.06
N ALA B 8 16.49 -16.41 10.18
CA ALA B 8 17.43 -17.16 9.35
C ALA B 8 18.79 -17.38 10.02
N LYS B 9 18.91 -16.97 11.28
CA LYS B 9 20.18 -17.14 11.98
C LYS B 9 20.26 -18.37 12.87
N SER B 10 21.47 -18.64 13.35
CA SER B 10 21.72 -19.78 14.21
C SER B 10 20.82 -19.79 15.43
N GLN B 11 20.48 -20.98 15.90
CA GLN B 11 19.62 -21.12 17.07
C GLN B 11 20.29 -20.41 18.26
N GLU B 12 21.58 -20.64 18.42
CA GLU B 12 22.34 -20.02 19.50
C GLU B 12 22.20 -18.51 19.41
N GLU B 13 22.37 -17.99 18.20
CA GLU B 13 22.28 -16.56 17.97
C GLU B 13 20.90 -16.04 18.36
N ARG B 14 19.86 -16.78 17.98
CA ARG B 14 18.50 -16.39 18.29
C ARG B 14 18.28 -16.48 19.81
N ASP B 15 18.91 -17.46 20.44
CA ASP B 15 18.79 -17.60 21.88
C ASP B 15 19.42 -16.38 22.56
N LYS B 16 20.55 -15.95 22.03
CA LYS B 16 21.26 -14.79 22.57
C LYS B 16 20.36 -13.55 22.51
N VAL B 17 19.72 -13.36 21.37
CA VAL B 17 18.83 -12.22 21.17
C VAL B 17 17.75 -12.16 22.26
N ASN B 18 17.23 -13.31 22.64
CA ASN B 18 16.21 -13.35 23.68
C ASN B 18 16.76 -13.00 25.05
N VAL B 19 17.99 -13.40 25.33
CA VAL B 19 18.60 -13.07 26.62
C VAL B 19 18.84 -11.56 26.64
N ASP B 20 19.23 -11.03 25.48
CA ASP B 20 19.47 -9.59 25.34
C ASP B 20 18.18 -8.83 25.64
N LEU B 21 17.07 -9.36 25.14
CA LEU B 21 15.77 -8.75 25.33
C LEU B 21 15.45 -8.64 26.82
N ALA B 22 15.73 -9.71 27.56
CA ALA B 22 15.47 -9.73 28.99
C ALA B 22 16.42 -8.80 29.74
N ALA B 23 17.69 -8.85 29.39
CA ALA B 23 18.71 -8.01 30.04
C ALA B 23 18.43 -6.52 29.82
N SER B 24 18.22 -6.13 28.57
CA SER B 24 17.92 -4.74 28.24
C SER B 24 16.63 -4.30 28.92
N GLY B 25 15.73 -5.25 29.10
CA GLY B 25 14.47 -4.95 29.75
C GLY B 25 14.66 -4.54 31.20
N VAL B 26 15.59 -5.18 31.90
CA VAL B 26 15.86 -4.83 33.28
C VAL B 26 16.44 -3.43 33.35
N ALA B 27 17.43 -3.15 32.51
CA ALA B 27 18.04 -1.82 32.49
C ALA B 27 16.98 -0.77 32.21
N TYR B 28 16.07 -1.08 31.29
CA TYR B 28 15.00 -0.15 30.94
C TYR B 28 14.18 0.19 32.17
N LYS B 29 13.73 -0.84 32.89
CA LYS B 29 12.92 -0.65 34.07
C LYS B 29 13.64 0.16 35.13
N GLU B 30 14.95 -0.08 35.29
CA GLU B 30 15.73 0.67 36.28
C GLU B 30 15.77 2.13 35.88
N ARG B 31 15.86 2.39 34.57
CA ARG B 31 15.92 3.75 34.09
C ARG B 31 14.58 4.48 34.26
N LEU B 32 13.47 3.78 34.02
CA LEU B 32 12.15 4.39 34.15
C LEU B 32 11.56 4.27 35.54
N ASN B 33 12.35 3.74 36.47
CA ASN B 33 11.90 3.57 37.85
C ASN B 33 10.70 2.65 37.93
N ILE B 34 10.75 1.59 37.14
CA ILE B 34 9.69 0.58 37.15
C ILE B 34 10.28 -0.53 38.00
N PRO B 35 9.62 -0.86 39.13
CA PRO B 35 10.17 -1.92 39.97
C PRO B 35 10.54 -3.19 39.20
N VAL B 36 11.68 -3.76 39.55
CA VAL B 36 12.17 -4.98 38.92
C VAL B 36 13.21 -5.59 39.85
N ILE B 37 13.26 -6.91 39.90
CA ILE B 37 14.23 -7.59 40.74
C ILE B 37 15.18 -8.29 39.80
N ALA B 38 16.25 -7.60 39.45
CA ALA B 38 17.26 -8.10 38.52
C ALA B 38 17.67 -9.55 38.75
N GLU B 39 17.87 -9.92 40.01
CA GLU B 39 18.29 -11.29 40.31
C GLU B 39 17.28 -12.33 39.85
N GLN B 40 16.00 -12.03 40.02
CA GLN B 40 14.96 -12.95 39.60
C GLN B 40 15.05 -13.22 38.10
N VAL B 41 15.26 -12.17 37.32
CA VAL B 41 15.35 -12.32 35.87
C VAL B 41 16.55 -13.16 35.44
N ALA B 42 17.70 -12.94 36.06
CA ALA B 42 18.89 -13.72 35.70
C ALA B 42 18.57 -15.20 35.89
N ARG B 43 17.87 -15.50 36.99
CA ARG B 43 17.49 -16.87 37.29
C ARG B 43 16.70 -17.49 36.14
N GLU B 44 15.71 -16.76 35.64
CA GLU B 44 14.86 -17.21 34.55
C GLU B 44 15.60 -17.56 33.26
N GLN B 45 16.85 -17.14 33.14
CA GLN B 45 17.62 -17.41 31.93
C GLN B 45 18.31 -18.76 31.95
N PRO B 46 18.48 -19.38 30.77
CA PRO B 46 19.14 -20.68 30.67
C PRO B 46 20.49 -20.59 31.38
N GLU B 47 20.77 -21.56 32.24
CA GLU B 47 22.00 -21.58 33.01
C GLU B 47 23.27 -21.32 32.20
N ASN B 48 23.36 -21.94 31.03
CA ASN B 48 24.53 -21.77 30.17
C ASN B 48 24.59 -20.38 29.54
N LEU B 49 23.69 -19.49 29.95
CA LEU B 49 23.65 -18.15 29.40
C LEU B 49 23.54 -17.05 30.46
N ARG B 50 23.52 -17.46 31.73
CA ARG B 50 23.42 -16.48 32.81
C ARG B 50 24.64 -15.54 32.81
N THR B 51 25.80 -16.09 32.49
CA THR B 51 27.03 -15.30 32.44
C THR B 51 26.85 -14.27 31.33
N TYR B 52 26.20 -14.69 30.26
CA TYR B 52 25.94 -13.82 29.13
C TYR B 52 24.94 -12.74 29.56
N PHE B 53 23.93 -13.16 30.32
CA PHE B 53 22.93 -12.25 30.80
C PHE B 53 23.55 -11.13 31.64
N MET B 54 24.42 -11.51 32.58
CA MET B 54 25.04 -10.52 33.45
C MET B 54 25.88 -9.53 32.67
N GLU B 55 26.61 -10.01 31.67
CA GLU B 55 27.42 -9.14 30.85
C GLU B 55 26.53 -8.22 30.01
N ARG B 56 25.46 -8.77 29.46
CA ARG B 56 24.55 -7.97 28.64
C ARG B 56 23.83 -6.95 29.51
N LEU B 57 23.54 -7.33 30.75
CA LEU B 57 22.87 -6.42 31.68
C LEU B 57 23.79 -5.21 31.94
N ARG B 58 25.08 -5.48 32.13
CA ARG B 58 26.05 -4.41 32.37
C ARG B 58 26.10 -3.53 31.12
N HIS B 59 26.18 -4.18 29.97
CA HIS B 59 26.24 -3.50 28.69
C HIS B 59 25.05 -2.57 28.47
N TYR B 60 23.84 -3.08 28.66
CA TYR B 60 22.64 -2.27 28.47
C TYR B 60 22.49 -1.19 29.52
N ARG B 61 23.04 -1.39 30.71
CA ARG B 61 22.93 -0.37 31.75
C ARG B 61 23.73 0.85 31.32
N GLN B 62 24.83 0.61 30.61
CA GLN B 62 25.65 1.69 30.10
C GLN B 62 24.86 2.47 29.05
N LEU B 63 24.23 1.72 28.14
CA LEU B 63 23.43 2.34 27.09
C LEU B 63 22.32 3.18 27.71
N SER B 64 21.81 2.76 28.86
CA SER B 64 20.75 3.49 29.54
C SER B 64 21.16 4.95 29.78
N LEU B 65 22.45 5.18 30.01
CA LEU B 65 22.97 6.51 30.29
C LEU B 65 22.80 7.48 29.12
N GLN B 66 22.58 6.92 27.94
CA GLN B 66 22.41 7.74 26.74
C GLN B 66 20.96 8.14 26.57
N LEU B 67 20.10 7.63 27.46
CA LEU B 67 18.66 7.89 27.39
C LEU B 67 18.13 8.66 28.59
N PRO B 68 17.00 9.36 28.42
CA PRO B 68 16.43 10.13 29.53
C PRO B 68 15.94 9.25 30.69
N LYS B 69 16.03 9.79 31.89
CA LYS B 69 15.59 9.11 33.09
C LYS B 69 14.07 9.20 33.17
N GLY B 70 13.46 8.32 33.95
CA GLY B 70 12.01 8.33 34.06
C GLY B 70 11.49 9.67 34.55
N SER B 71 12.32 10.35 35.33
CA SER B 71 11.97 11.66 35.89
C SER B 71 12.24 12.82 34.95
N ASP B 72 12.73 12.54 33.75
CA ASP B 72 13.02 13.62 32.81
C ASP B 72 11.77 14.09 32.07
N PRO B 73 11.84 15.26 31.43
CA PRO B 73 10.72 15.84 30.68
C PRO B 73 10.12 14.88 29.65
N ALA B 74 10.99 14.17 28.95
CA ALA B 74 10.58 13.22 27.93
C ALA B 74 9.44 12.32 28.39
N TYR B 75 9.40 12.00 29.68
CA TYR B 75 8.37 11.13 30.22
C TYR B 75 7.33 11.86 31.07
N GLN B 76 7.33 13.19 30.97
CA GLN B 76 6.37 14.00 31.72
C GLN B 76 5.00 13.96 31.06
N THR C 6 3.25 -12.28 -30.33
CA THR C 6 1.96 -11.61 -30.06
C THR C 6 2.20 -10.12 -29.89
N ARG C 7 1.12 -9.35 -29.68
CA ARG C 7 1.24 -7.90 -29.51
C ARG C 7 1.25 -7.50 -28.04
N GLN C 8 1.77 -6.31 -27.77
CA GLN C 8 1.82 -5.81 -26.40
C GLN C 8 0.89 -4.61 -26.27
N ILE C 9 0.24 -4.50 -25.11
CA ILE C 9 -0.66 -3.39 -24.83
C ILE C 9 -0.23 -2.81 -23.49
N VAL C 10 0.35 -1.61 -23.52
CA VAL C 10 0.78 -0.94 -22.30
C VAL C 10 -0.46 -0.22 -21.82
N LEU C 11 -0.96 -0.61 -20.65
CA LEU C 11 -2.19 -0.05 -20.13
C LEU C 11 -2.12 0.57 -18.75
N ASP C 12 -3.01 1.54 -18.52
CA ASP C 12 -3.14 2.21 -17.24
C ASP C 12 -4.58 2.69 -17.09
N THR C 13 -5.05 2.77 -15.84
CA THR C 13 -6.40 3.24 -15.56
C THR C 13 -6.36 4.29 -14.44
N GLU C 14 -7.40 5.10 -14.36
CA GLU C 14 -7.54 6.08 -13.28
C GLU C 14 -8.83 5.63 -12.60
N THR C 15 -8.91 5.80 -11.29
CA THR C 15 -10.10 5.39 -10.56
C THR C 15 -10.63 6.45 -9.61
N THR C 16 -11.71 6.12 -8.92
CA THR C 16 -12.34 7.00 -7.96
C THR C 16 -11.56 6.96 -6.65
N GLY C 17 -10.59 6.05 -6.57
CA GLY C 17 -9.79 5.91 -5.37
C GLY C 17 -9.45 4.45 -5.13
N MET C 18 -9.23 4.09 -3.86
CA MET C 18 -8.89 2.71 -3.52
C MET C 18 -8.97 2.54 -2.00
N ASN C 19 -8.95 1.28 -1.55
CA ASN C 19 -9.03 0.99 -0.12
C ASN C 19 -7.71 0.43 0.40
N GLN C 20 -7.39 0.70 1.66
CA GLN C 20 -6.15 0.21 2.28
C GLN C 20 -6.19 -1.26 2.64
N ILE C 21 -7.31 -1.72 3.19
CA ILE C 21 -7.45 -3.14 3.53
C ILE C 21 -8.62 -3.73 2.74
N GLY C 22 -8.85 -5.03 2.92
CA GLY C 22 -9.91 -5.69 2.17
C GLY C 22 -9.49 -5.57 0.73
N ALA C 23 -10.42 -5.67 -0.21
CA ALA C 23 -10.06 -5.55 -1.63
C ALA C 23 -9.85 -4.07 -1.92
N HIS C 24 -8.73 -3.72 -2.55
CA HIS C 24 -8.45 -2.32 -2.84
C HIS C 24 -9.47 -1.63 -3.75
N TYR C 25 -10.20 -2.42 -4.53
CA TYR C 25 -11.18 -1.88 -5.47
C TYR C 25 -12.63 -1.83 -4.96
N GLU C 26 -12.94 -2.59 -3.93
CA GLU C 26 -14.29 -2.63 -3.40
C GLU C 26 -14.95 -1.27 -3.26
N GLY C 27 -16.09 -1.09 -3.93
CA GLY C 27 -16.81 0.17 -3.84
C GLY C 27 -16.23 1.32 -4.67
N HIS C 28 -15.18 1.05 -5.44
CA HIS C 28 -14.57 2.09 -6.26
C HIS C 28 -14.79 1.77 -7.74
N LYS C 29 -14.57 2.75 -8.60
CA LYS C 29 -14.79 2.56 -10.04
C LYS C 29 -13.68 3.10 -10.94
N ILE C 30 -13.53 2.46 -12.08
CA ILE C 30 -12.54 2.88 -13.07
C ILE C 30 -13.20 4.09 -13.74
N ILE C 31 -12.47 5.19 -13.89
CA ILE C 31 -13.05 6.36 -14.53
C ILE C 31 -12.36 6.72 -15.85
N GLU C 32 -11.24 6.08 -16.11
CA GLU C 32 -10.50 6.28 -17.36
C GLU C 32 -9.61 5.07 -17.63
N ILE C 33 -9.58 4.64 -18.89
CA ILE C 33 -8.76 3.53 -19.31
C ILE C 33 -7.92 4.07 -20.46
N GLY C 34 -6.60 3.88 -20.37
CA GLY C 34 -5.70 4.33 -21.42
C GLY C 34 -4.76 3.19 -21.79
N ALA C 35 -4.58 2.95 -23.09
CA ALA C 35 -3.71 1.85 -23.51
C ALA C 35 -3.11 2.11 -24.89
N VAL C 36 -1.86 1.73 -25.08
CA VAL C 36 -1.17 1.89 -26.36
C VAL C 36 -0.57 0.58 -26.84
N GLU C 37 -0.69 0.34 -28.14
CA GLU C 37 -0.21 -0.89 -28.75
C GLU C 37 1.24 -0.83 -29.19
N VAL C 38 1.95 -1.93 -28.93
CA VAL C 38 3.34 -2.07 -29.32
C VAL C 38 3.51 -3.42 -30.01
N VAL C 39 4.12 -3.40 -31.18
CA VAL C 39 4.38 -4.61 -31.96
C VAL C 39 5.83 -4.55 -32.43
N ASN C 40 6.58 -5.60 -32.13
CA ASN C 40 7.99 -5.67 -32.49
C ASN C 40 8.74 -4.43 -31.99
N ARG C 41 8.47 -4.09 -30.73
CA ARG C 41 9.09 -2.93 -30.08
C ARG C 41 8.79 -1.58 -30.72
N ARG C 42 7.63 -1.45 -31.33
CA ARG C 42 7.25 -0.17 -31.93
C ARG C 42 5.78 0.17 -31.67
N LEU C 43 5.55 1.43 -31.31
CA LEU C 43 4.20 1.91 -31.05
C LEU C 43 3.48 1.98 -32.39
N THR C 44 2.37 1.26 -32.51
CA THR C 44 1.62 1.22 -33.76
C THR C 44 0.71 2.41 -33.98
N GLY C 45 0.25 3.02 -32.88
CA GLY C 45 -0.65 4.14 -33.01
C GLY C 45 -2.09 3.68 -32.85
N ASN C 46 -2.29 2.36 -32.79
CA ASN C 46 -3.64 1.82 -32.58
C ASN C 46 -3.85 1.77 -31.07
N ASN C 47 -4.39 2.84 -30.52
CA ASN C 47 -4.61 2.90 -29.08
C ASN C 47 -6.07 2.90 -28.65
N PHE C 48 -6.28 2.76 -27.35
CA PHE C 48 -7.61 2.71 -26.77
C PHE C 48 -7.67 3.72 -25.62
N HIS C 49 -8.75 4.50 -25.58
CA HIS C 49 -8.91 5.52 -24.55
C HIS C 49 -10.38 5.80 -24.28
N VAL C 50 -10.79 5.68 -23.02
CA VAL C 50 -12.18 5.97 -22.65
C VAL C 50 -12.29 6.53 -21.24
N TYR C 51 -13.29 7.37 -21.03
CA TYR C 51 -13.60 7.94 -19.73
C TYR C 51 -14.93 7.30 -19.36
N LEU C 52 -15.11 6.89 -18.11
CA LEU C 52 -16.35 6.23 -17.74
C LEU C 52 -17.14 6.93 -16.62
N LYS C 53 -18.47 6.84 -16.69
CA LYS C 53 -19.34 7.43 -15.68
C LYS C 53 -19.35 6.45 -14.50
N PRO C 54 -18.82 6.88 -13.35
CA PRO C 54 -18.74 6.05 -12.14
C PRO C 54 -20.00 5.86 -11.32
N ASP C 55 -20.89 6.85 -11.34
CA ASP C 55 -22.11 6.76 -10.55
C ASP C 55 -21.80 6.79 -9.04
N ARG C 56 -20.72 7.49 -8.71
CA ARG C 56 -20.28 7.73 -7.34
C ARG C 56 -19.28 8.87 -7.47
N LEU C 57 -19.01 9.56 -6.38
CA LEU C 57 -18.08 10.67 -6.42
C LEU C 57 -16.64 10.21 -6.34
N VAL C 58 -15.75 10.99 -6.96
CA VAL C 58 -14.33 10.68 -6.93
C VAL C 58 -13.80 11.19 -5.59
N ASP C 59 -12.98 10.38 -4.91
CA ASP C 59 -12.42 10.83 -3.64
C ASP C 59 -11.43 11.95 -3.92
N PRO C 60 -11.33 12.92 -3.00
CA PRO C 60 -10.41 14.06 -3.12
C PRO C 60 -8.99 13.65 -3.45
N GLU C 61 -8.49 12.64 -2.73
CA GLU C 61 -7.14 12.15 -2.95
C GLU C 61 -6.95 11.73 -4.42
N ALA C 62 -7.94 11.01 -4.95
CA ALA C 62 -7.87 10.55 -6.33
C ALA C 62 -7.85 11.71 -7.32
N PHE C 63 -8.66 12.73 -7.07
CA PHE C 63 -8.66 13.88 -7.98
C PHE C 63 -7.29 14.55 -7.93
N GLY C 64 -6.65 14.44 -6.76
CA GLY C 64 -5.33 15.04 -6.61
C GLY C 64 -4.30 14.35 -7.49
N VAL C 65 -4.55 13.07 -7.80
CA VAL C 65 -3.64 12.31 -8.63
C VAL C 65 -3.93 12.46 -10.12
N HIS C 66 -5.17 12.17 -10.53
CA HIS C 66 -5.57 12.23 -11.93
C HIS C 66 -6.21 13.53 -12.45
N GLY C 67 -6.77 14.34 -11.57
CA GLY C 67 -7.37 15.59 -12.00
C GLY C 67 -8.58 15.44 -12.91
N ILE C 68 -9.35 14.37 -12.71
CA ILE C 68 -10.54 14.12 -13.51
C ILE C 68 -11.76 14.48 -12.66
N ALA C 69 -12.54 15.45 -13.14
CA ALA C 69 -13.71 15.94 -12.42
C ALA C 69 -15.00 15.14 -12.54
N ASP C 70 -15.80 15.13 -11.48
CA ASP C 70 -17.08 14.43 -11.50
C ASP C 70 -17.90 15.05 -12.63
N GLU C 71 -17.85 16.37 -12.74
CA GLU C 71 -18.57 17.11 -13.78
C GLU C 71 -18.29 16.57 -15.18
N PHE C 72 -17.06 16.12 -15.38
CA PHE C 72 -16.62 15.59 -16.68
C PHE C 72 -17.20 14.19 -16.98
N LEU C 73 -17.35 13.37 -15.95
CA LEU C 73 -17.84 12.01 -16.10
C LEU C 73 -19.35 11.83 -16.27
N LEU C 74 -20.13 12.87 -15.95
CA LEU C 74 -21.58 12.80 -16.03
C LEU C 74 -22.18 12.35 -17.36
N ASP C 75 -21.62 12.80 -18.48
CA ASP C 75 -22.16 12.43 -19.79
C ASP C 75 -21.39 11.29 -20.44
N LYS C 76 -20.54 10.62 -19.66
CA LYS C 76 -19.74 9.52 -20.18
C LYS C 76 -20.43 8.17 -20.13
N PRO C 77 -19.98 7.22 -20.98
CA PRO C 77 -20.58 5.89 -20.99
C PRO C 77 -20.15 5.14 -19.73
N THR C 78 -20.87 4.08 -19.38
CA THR C 78 -20.55 3.27 -18.22
C THR C 78 -19.61 2.15 -18.64
N PHE C 79 -19.05 1.44 -17.66
CA PHE C 79 -18.14 0.34 -17.97
C PHE C 79 -18.88 -0.72 -18.76
N ALA C 80 -20.16 -0.94 -18.40
CA ALA C 80 -20.97 -1.92 -19.09
C ALA C 80 -21.03 -1.58 -20.58
N GLU C 81 -21.23 -0.30 -20.88
CA GLU C 81 -21.32 0.15 -22.25
C GLU C 81 -20.06 -0.06 -23.10
N VAL C 82 -18.89 0.10 -22.49
CA VAL C 82 -17.64 -0.07 -23.22
C VAL C 82 -17.00 -1.44 -23.03
N ALA C 83 -17.54 -2.22 -22.09
CA ALA C 83 -16.98 -3.53 -21.78
C ALA C 83 -16.58 -4.41 -22.97
N ASP C 84 -17.52 -4.67 -23.89
CA ASP C 84 -17.23 -5.50 -25.05
C ASP C 84 -16.14 -4.93 -25.95
N GLU C 85 -16.16 -3.61 -26.11
CA GLU C 85 -15.18 -2.91 -26.94
C GLU C 85 -13.81 -3.04 -26.26
N PHE C 86 -13.79 -2.78 -24.95
CA PHE C 86 -12.56 -2.87 -24.17
C PHE C 86 -11.94 -4.25 -24.31
N MET C 87 -12.77 -5.30 -24.17
CA MET C 87 -12.25 -6.66 -24.30
C MET C 87 -11.75 -6.95 -25.69
N ASP C 88 -12.41 -6.42 -26.71
CA ASP C 88 -11.99 -6.62 -28.09
C ASP C 88 -10.59 -6.05 -28.27
N TYR C 89 -10.35 -4.89 -27.68
CA TYR C 89 -9.05 -4.24 -27.81
C TYR C 89 -7.90 -5.01 -27.17
N ILE C 90 -8.11 -5.51 -25.96
CA ILE C 90 -7.06 -6.20 -25.24
C ILE C 90 -6.95 -7.72 -25.39
N ARG C 91 -8.02 -8.38 -25.81
CA ARG C 91 -8.02 -9.83 -25.92
C ARG C 91 -6.80 -10.47 -26.59
N GLY C 92 -6.20 -11.43 -25.88
CA GLY C 92 -5.05 -12.15 -26.42
C GLY C 92 -3.72 -11.45 -26.39
N ALA C 93 -3.69 -10.21 -25.92
CA ALA C 93 -2.44 -9.46 -25.88
C ALA C 93 -1.68 -9.63 -24.58
N GLU C 94 -0.41 -9.23 -24.59
CA GLU C 94 0.39 -9.26 -23.38
C GLU C 94 0.19 -7.87 -22.81
N LEU C 95 -0.36 -7.77 -21.61
CA LEU C 95 -0.59 -6.47 -20.97
C LEU C 95 0.61 -6.08 -20.13
N VAL C 96 1.06 -4.84 -20.26
CA VAL C 96 2.19 -4.33 -19.49
C VAL C 96 1.64 -3.18 -18.65
N ILE C 97 1.55 -3.40 -17.34
CA ILE C 97 1.01 -2.42 -16.40
C ILE C 97 1.93 -2.18 -15.18
N HIS C 98 2.11 -0.93 -14.79
CA HIS C 98 2.98 -0.63 -13.64
C HIS C 98 2.21 -0.94 -12.36
N ASN C 99 2.67 -1.99 -11.67
CA ASN C 99 2.05 -2.51 -10.45
C ASN C 99 0.72 -3.11 -10.95
N ALA C 100 0.86 -3.99 -11.94
CA ALA C 100 -0.24 -4.66 -12.62
C ALA C 100 -1.45 -5.11 -11.79
N ALA C 101 -1.21 -5.70 -10.62
CA ALA C 101 -2.32 -6.18 -9.80
C ALA C 101 -3.32 -5.09 -9.43
N PHE C 102 -2.88 -3.85 -9.36
CA PHE C 102 -3.80 -2.78 -9.03
C PHE C 102 -4.85 -2.66 -10.12
N ASP C 103 -4.40 -2.49 -11.35
CA ASP C 103 -5.31 -2.33 -12.48
C ASP C 103 -6.10 -3.60 -12.80
N ILE C 104 -5.43 -4.75 -12.77
CA ILE C 104 -6.10 -6.00 -13.06
C ILE C 104 -7.22 -6.17 -12.02
N GLY C 105 -6.90 -5.94 -10.75
CA GLY C 105 -7.88 -6.06 -9.70
C GLY C 105 -9.12 -5.26 -10.07
N PHE C 106 -8.91 -4.00 -10.45
CA PHE C 106 -10.02 -3.13 -10.84
C PHE C 106 -10.77 -3.62 -12.09
N MET C 107 -10.02 -4.09 -13.08
CA MET C 107 -10.62 -4.58 -14.31
C MET C 107 -11.51 -5.80 -14.05
N ASP C 108 -10.96 -6.82 -13.38
CA ASP C 108 -11.73 -8.03 -13.08
C ASP C 108 -12.94 -7.70 -12.22
N TYR C 109 -12.78 -6.72 -11.35
CA TYR C 109 -13.88 -6.30 -10.47
C TYR C 109 -15.02 -5.73 -11.31
N GLU C 110 -14.71 -4.74 -12.15
CA GLU C 110 -15.74 -4.14 -13.01
C GLU C 110 -16.39 -5.19 -13.92
N PHE C 111 -15.59 -6.11 -14.46
CA PHE C 111 -16.13 -7.14 -15.32
C PHE C 111 -17.12 -8.02 -14.54
N SER C 112 -16.76 -8.36 -13.29
CA SER C 112 -17.62 -9.21 -12.48
C SER C 112 -18.94 -8.52 -12.14
N LEU C 113 -18.92 -7.20 -12.03
CA LEU C 113 -20.13 -6.46 -11.72
C LEU C 113 -21.16 -6.56 -12.84
N LEU C 114 -20.72 -6.98 -14.03
CA LEU C 114 -21.63 -7.11 -15.17
C LEU C 114 -22.42 -8.42 -15.10
N LYS C 115 -22.06 -9.29 -14.17
CA LYS C 115 -22.74 -10.57 -13.99
C LYS C 115 -22.99 -11.25 -15.34
N ARG C 116 -21.91 -11.46 -16.09
CA ARG C 116 -21.99 -12.09 -17.40
C ARG C 116 -20.99 -13.24 -17.49
N ASP C 117 -20.59 -13.76 -16.33
CA ASP C 117 -19.61 -14.85 -16.28
C ASP C 117 -18.31 -14.54 -17.02
N ILE C 118 -17.95 -13.27 -17.10
CA ILE C 118 -16.70 -12.92 -17.78
C ILE C 118 -15.54 -13.55 -17.01
N PRO C 119 -14.63 -14.27 -17.72
CA PRO C 119 -13.49 -14.90 -17.05
C PRO C 119 -12.44 -13.86 -16.64
N LYS C 120 -11.51 -14.24 -15.78
CA LYS C 120 -10.48 -13.31 -15.33
C LYS C 120 -9.63 -12.84 -16.50
N THR C 121 -9.08 -11.63 -16.38
CA THR C 121 -8.27 -11.06 -17.44
C THR C 121 -7.07 -11.92 -17.82
N ASN C 122 -6.35 -12.44 -16.83
CA ASN C 122 -5.17 -13.25 -17.12
C ASN C 122 -5.46 -14.60 -17.77
N THR C 123 -6.72 -14.91 -18.00
CA THR C 123 -7.06 -16.18 -18.65
C THR C 123 -7.12 -15.93 -20.15
N PHE C 124 -7.28 -14.67 -20.55
CA PHE C 124 -7.33 -14.33 -21.96
C PHE C 124 -6.29 -13.27 -22.36
N CYS C 125 -5.43 -12.92 -21.41
CA CYS C 125 -4.35 -11.95 -21.62
C CYS C 125 -3.16 -12.34 -20.76
N LYS C 126 -1.95 -12.11 -21.27
CA LYS C 126 -0.76 -12.40 -20.47
C LYS C 126 -0.55 -11.09 -19.71
N VAL C 127 -0.23 -11.18 -18.43
CA VAL C 127 -0.03 -9.99 -17.63
C VAL C 127 1.39 -9.82 -17.11
N THR C 128 2.02 -8.72 -17.52
CA THR C 128 3.40 -8.40 -17.11
C THR C 128 3.44 -7.13 -16.25
N ASP C 129 4.00 -7.27 -15.05
CA ASP C 129 4.11 -6.15 -14.11
C ASP C 129 5.42 -5.42 -14.36
N SER C 130 5.36 -4.30 -15.06
CA SER C 130 6.55 -3.53 -15.36
C SER C 130 7.31 -3.04 -14.11
N LEU C 131 6.61 -2.89 -12.99
CA LEU C 131 7.27 -2.45 -11.75
C LEU C 131 8.17 -3.56 -11.22
N ALA C 132 7.79 -4.82 -11.45
CA ALA C 132 8.59 -5.95 -11.00
C ALA C 132 9.91 -5.94 -11.79
N VAL C 133 9.83 -5.62 -13.07
CA VAL C 133 11.01 -5.57 -13.92
C VAL C 133 11.92 -4.43 -13.45
N ALA C 134 11.31 -3.30 -13.11
CA ALA C 134 12.07 -2.15 -12.62
C ALA C 134 12.76 -2.50 -11.30
N ARG C 135 12.00 -3.07 -10.37
CA ARG C 135 12.57 -3.44 -9.07
C ARG C 135 13.73 -4.44 -9.19
N LYS C 136 13.79 -5.16 -10.30
CA LYS C 136 14.85 -6.14 -10.49
C LYS C 136 16.07 -5.50 -11.15
N MET C 137 15.84 -4.42 -11.91
CA MET C 137 16.94 -3.72 -12.56
C MET C 137 17.52 -2.66 -11.64
N PHE C 138 16.68 -2.09 -10.78
CA PHE C 138 17.11 -1.03 -9.88
C PHE C 138 16.63 -1.26 -8.46
N PRO C 139 17.10 -2.35 -7.84
CA PRO C 139 16.71 -2.69 -6.48
C PRO C 139 17.00 -1.57 -5.49
N GLY C 140 16.01 -1.28 -4.64
CA GLY C 140 16.15 -0.25 -3.63
C GLY C 140 15.92 1.19 -4.06
N LYS C 141 15.68 1.43 -5.35
CA LYS C 141 15.46 2.79 -5.82
C LYS C 141 14.00 3.12 -6.09
N ARG C 142 13.67 4.41 -6.09
CA ARG C 142 12.31 4.81 -6.39
C ARG C 142 12.11 4.32 -7.83
N ASN C 143 11.10 3.47 -8.03
CA ASN C 143 10.82 2.91 -9.34
C ASN C 143 9.43 3.23 -9.86
N SER C 144 8.87 4.34 -9.40
CA SER C 144 7.55 4.77 -9.86
C SER C 144 7.71 5.19 -11.31
N LEU C 145 6.60 5.51 -11.95
CA LEU C 145 6.65 5.92 -13.35
C LEU C 145 7.45 7.23 -13.48
N ASP C 146 7.19 8.16 -12.58
CA ASP C 146 7.89 9.42 -12.60
C ASP C 146 9.40 9.19 -12.45
N ALA C 147 9.78 8.37 -11.48
CA ALA C 147 11.19 8.06 -11.25
C ALA C 147 11.85 7.47 -12.49
N LEU C 148 11.17 6.52 -13.12
CA LEU C 148 11.72 5.89 -14.31
C LEU C 148 11.89 6.91 -15.43
N CYS C 149 10.99 7.89 -15.52
CA CYS C 149 11.12 8.90 -16.55
C CYS C 149 12.40 9.71 -16.31
N ALA C 150 12.71 9.97 -15.05
CA ALA C 150 13.91 10.73 -14.72
C ALA C 150 15.13 9.89 -15.05
N ARG C 151 15.06 8.60 -14.78
CA ARG C 151 16.18 7.71 -15.04
C ARG C 151 16.52 7.63 -16.53
N TYR C 152 15.50 7.56 -17.37
CA TYR C 152 15.72 7.47 -18.81
C TYR C 152 15.55 8.82 -19.51
N GLU C 153 15.49 9.87 -18.72
CA GLU C 153 15.34 11.24 -19.25
C GLU C 153 14.18 11.35 -20.22
N ILE C 154 13.04 10.76 -19.84
CA ILE C 154 11.85 10.84 -20.67
C ILE C 154 11.01 11.99 -20.14
N ASP C 155 10.42 12.77 -21.04
CA ASP C 155 9.58 13.88 -20.62
C ASP C 155 8.16 13.45 -20.30
N ASN C 156 7.71 13.79 -19.10
CA ASN C 156 6.36 13.45 -18.67
C ASN C 156 5.69 14.72 -18.13
N SER C 157 6.32 15.86 -18.36
CA SER C 157 5.79 17.13 -17.87
C SER C 157 5.25 18.05 -18.96
N LYS C 158 5.81 17.95 -20.17
CA LYS C 158 5.36 18.81 -21.27
C LYS C 158 4.78 18.00 -22.42
N ARG C 159 3.90 17.06 -22.10
CA ARG C 159 3.27 16.21 -23.10
C ARG C 159 1.82 16.64 -23.27
N THR C 160 1.21 16.27 -24.40
CA THR C 160 -0.17 16.65 -24.66
C THR C 160 -1.20 15.63 -24.19
N LEU C 161 -0.72 14.55 -23.58
CA LEU C 161 -1.61 13.53 -23.06
C LEU C 161 -1.82 13.78 -21.58
N HIS C 162 -2.90 13.22 -21.04
CA HIS C 162 -3.21 13.37 -19.62
C HIS C 162 -3.74 12.06 -19.05
N GLY C 163 -3.89 12.04 -17.73
CA GLY C 163 -4.41 10.87 -17.04
C GLY C 163 -3.80 9.54 -17.43
N ALA C 164 -4.67 8.54 -17.55
CA ALA C 164 -4.26 7.18 -17.89
C ALA C 164 -3.60 7.04 -19.26
N LEU C 165 -4.07 7.82 -20.23
CA LEU C 165 -3.49 7.72 -21.56
C LEU C 165 -2.04 8.17 -21.53
N LEU C 166 -1.76 9.25 -20.81
CA LEU C 166 -0.39 9.74 -20.67
C LEU C 166 0.47 8.67 -20.01
N ASP C 167 -0.01 8.16 -18.88
CA ASP C 167 0.74 7.14 -18.14
C ASP C 167 0.99 5.88 -18.97
N ALA C 168 0.03 5.55 -19.84
CA ALA C 168 0.17 4.38 -20.69
C ALA C 168 1.27 4.64 -21.71
N GLN C 169 1.20 5.78 -22.38
CA GLN C 169 2.18 6.17 -23.38
C GLN C 169 3.57 6.27 -22.73
N ILE C 170 3.59 6.89 -21.56
CA ILE C 170 4.83 7.07 -20.82
C ILE C 170 5.40 5.71 -20.41
N LEU C 171 4.56 4.81 -19.90
CA LEU C 171 5.06 3.51 -19.51
C LEU C 171 5.60 2.75 -20.72
N ALA C 172 4.97 2.92 -21.87
CA ALA C 172 5.42 2.25 -23.08
C ALA C 172 6.85 2.68 -23.38
N GLU C 173 7.07 3.99 -23.34
CA GLU C 173 8.39 4.55 -23.60
C GLU C 173 9.41 4.07 -22.57
N VAL C 174 9.01 4.10 -21.31
CA VAL C 174 9.87 3.64 -20.22
C VAL C 174 10.18 2.16 -20.37
N TYR C 175 9.14 1.36 -20.61
CA TYR C 175 9.30 -0.09 -20.75
C TYR C 175 10.24 -0.46 -21.88
N LEU C 176 10.10 0.24 -23.01
CA LEU C 176 10.95 -0.03 -24.16
C LEU C 176 12.39 0.32 -23.80
N ALA C 177 12.59 1.43 -23.11
CA ALA C 177 13.92 1.85 -22.70
C ALA C 177 14.51 0.81 -21.75
N MET C 178 13.69 0.32 -20.83
CA MET C 178 14.12 -0.68 -19.87
C MET C 178 14.55 -1.99 -20.50
N THR C 179 13.84 -2.40 -21.54
CA THR C 179 14.13 -3.66 -22.21
C THR C 179 14.99 -3.51 -23.46
N GLY C 180 15.43 -2.28 -23.74
CA GLY C 180 16.24 -2.06 -24.92
C GLY C 180 17.62 -2.70 -24.82
N MET D 1 -24.11 2.18 -31.42
CA MET D 1 -23.49 1.33 -32.48
C MET D 1 -22.05 1.73 -32.76
N TYR D 2 -21.78 3.04 -32.69
CA TYR D 2 -20.42 3.53 -32.92
C TYR D 2 -19.54 3.26 -31.71
N ASP D 3 -18.23 3.12 -31.95
CA ASP D 3 -17.31 2.85 -30.87
C ASP D 3 -17.16 4.04 -29.94
N TRP D 4 -16.80 3.77 -28.69
CA TRP D 4 -16.60 4.81 -27.70
C TRP D 4 -15.15 5.28 -27.70
N ASN D 5 -14.24 4.40 -28.13
CA ASN D 5 -12.81 4.70 -28.15
C ASN D 5 -12.52 6.12 -28.64
N ILE D 6 -12.06 6.97 -27.73
CA ILE D 6 -11.74 8.34 -28.08
C ILE D 6 -10.52 8.40 -28.99
N ALA D 7 -9.61 7.43 -28.83
CA ALA D 7 -8.39 7.37 -29.62
C ALA D 7 -8.64 7.11 -31.10
N ALA D 8 -9.85 6.68 -31.44
CA ALA D 8 -10.20 6.40 -32.83
C ALA D 8 -10.87 7.61 -33.48
N LYS D 9 -10.97 8.71 -32.74
CA LYS D 9 -11.58 9.92 -33.26
C LYS D 9 -10.50 10.82 -33.87
N SER D 10 -10.93 11.83 -34.63
CA SER D 10 -10.00 12.75 -35.27
C SER D 10 -9.22 13.58 -34.24
N GLN D 11 -8.08 14.12 -34.69
CA GLN D 11 -7.24 14.94 -33.84
C GLN D 11 -8.04 16.10 -33.25
N GLU D 12 -8.89 16.71 -34.06
CA GLU D 12 -9.70 17.83 -33.60
C GLU D 12 -10.69 17.44 -32.51
N GLU D 13 -11.34 16.29 -32.66
CA GLU D 13 -12.31 15.83 -31.65
C GLU D 13 -11.57 15.53 -30.35
N ARG D 14 -10.43 14.87 -30.48
CA ARG D 14 -9.60 14.53 -29.33
C ARG D 14 -9.06 15.78 -28.63
N ASP D 15 -8.70 16.79 -29.40
CA ASP D 15 -8.21 18.05 -28.83
C ASP D 15 -9.33 18.66 -28.02
N LYS D 16 -10.55 18.56 -28.54
CA LYS D 16 -11.74 19.08 -27.87
C LYS D 16 -11.90 18.40 -26.51
N VAL D 17 -11.86 17.07 -26.52
CA VAL D 17 -12.00 16.29 -25.29
C VAL D 17 -11.00 16.73 -24.23
N ASN D 18 -9.75 16.93 -24.62
CA ASN D 18 -8.74 17.37 -23.67
C ASN D 18 -9.09 18.73 -23.08
N VAL D 19 -9.65 19.62 -23.89
CA VAL D 19 -10.03 20.93 -23.39
C VAL D 19 -11.18 20.75 -22.41
N ASP D 20 -12.12 19.87 -22.74
CA ASP D 20 -13.25 19.61 -21.85
C ASP D 20 -12.70 19.20 -20.49
N LEU D 21 -11.78 18.24 -20.52
CA LEU D 21 -11.12 17.72 -19.32
C LEU D 21 -10.59 18.85 -18.45
N ALA D 22 -9.92 19.79 -19.09
CA ALA D 22 -9.33 20.94 -18.40
C ALA D 22 -10.39 21.86 -17.81
N ALA D 23 -11.35 22.27 -18.64
CA ALA D 23 -12.43 23.15 -18.21
C ALA D 23 -13.23 22.56 -17.06
N SER D 24 -13.61 21.31 -17.19
CA SER D 24 -14.37 20.61 -16.16
C SER D 24 -13.58 20.53 -14.86
N GLY D 25 -12.26 20.46 -14.98
CA GLY D 25 -11.41 20.37 -13.81
C GLY D 25 -11.40 21.67 -13.02
N VAL D 26 -11.45 22.78 -13.73
CA VAL D 26 -11.48 24.10 -13.09
C VAL D 26 -12.76 24.21 -12.28
N ALA D 27 -13.88 23.87 -12.90
CA ALA D 27 -15.17 23.93 -12.22
C ALA D 27 -15.15 23.02 -10.99
N TYR D 28 -14.43 21.91 -11.11
CA TYR D 28 -14.34 20.95 -10.00
C TYR D 28 -13.56 21.58 -8.85
N LYS D 29 -12.47 22.23 -9.17
CA LYS D 29 -11.66 22.87 -8.15
C LYS D 29 -12.44 23.99 -7.47
N GLU D 30 -13.18 24.77 -8.24
CA GLU D 30 -13.96 25.86 -7.68
C GLU D 30 -15.03 25.30 -6.74
N ARG D 31 -15.62 24.16 -7.12
CA ARG D 31 -16.65 23.54 -6.31
C ARG D 31 -16.08 22.98 -5.01
N LEU D 32 -14.90 22.36 -5.08
CA LEU D 32 -14.29 21.82 -3.89
C LEU D 32 -13.37 22.82 -3.21
N ASN D 33 -13.47 24.06 -3.64
CA ASN D 33 -12.66 25.14 -3.07
C ASN D 33 -11.16 24.86 -3.10
N ILE D 34 -10.67 24.45 -4.27
CA ILE D 34 -9.26 24.19 -4.47
C ILE D 34 -8.77 25.38 -5.29
N PRO D 35 -7.68 26.03 -4.86
CA PRO D 35 -7.14 27.19 -5.57
C PRO D 35 -6.85 26.95 -7.05
N VAL D 36 -7.38 27.82 -7.89
CA VAL D 36 -7.17 27.73 -9.33
C VAL D 36 -7.53 29.06 -10.00
N ILE D 37 -6.88 29.32 -11.14
CA ILE D 37 -7.13 30.55 -11.88
C ILE D 37 -7.61 30.20 -13.28
N ALA D 38 -8.92 30.26 -13.48
CA ALA D 38 -9.54 29.94 -14.78
C ALA D 38 -8.72 30.48 -15.94
N GLU D 39 -8.37 31.76 -15.87
CA GLU D 39 -7.60 32.41 -16.92
C GLU D 39 -6.31 31.67 -17.24
N GLN D 40 -5.52 31.40 -16.20
CA GLN D 40 -4.25 30.72 -16.38
C GLN D 40 -4.44 29.36 -17.06
N VAL D 41 -5.46 28.62 -16.64
CA VAL D 41 -5.73 27.31 -17.22
C VAL D 41 -6.12 27.44 -18.69
N ALA D 42 -6.78 28.54 -19.03
CA ALA D 42 -7.21 28.78 -20.40
C ALA D 42 -5.98 28.92 -21.32
N ARG D 43 -4.97 29.64 -20.85
CA ARG D 43 -3.76 29.86 -21.62
C ARG D 43 -2.96 28.58 -21.86
N GLU D 44 -3.30 27.53 -21.12
CA GLU D 44 -2.61 26.25 -21.27
C GLU D 44 -3.20 25.45 -22.41
N GLN D 45 -4.36 25.89 -22.90
CA GLN D 45 -5.05 25.22 -23.99
C GLN D 45 -4.53 25.77 -25.32
N PRO D 46 -4.62 24.96 -26.40
CA PRO D 46 -4.15 25.44 -27.70
C PRO D 46 -4.88 26.74 -28.03
N GLU D 47 -4.17 27.69 -28.63
CA GLU D 47 -4.74 28.99 -28.98
C GLU D 47 -6.06 28.94 -29.73
N ASN D 48 -6.19 28.03 -30.69
CA ASN D 48 -7.42 27.93 -31.47
C ASN D 48 -8.61 27.34 -30.71
N LEU D 49 -8.38 26.91 -29.47
CA LEU D 49 -9.45 26.31 -28.67
C LEU D 49 -9.68 27.01 -27.32
N ARG D 50 -9.12 28.20 -27.15
CA ARG D 50 -9.29 28.92 -25.89
C ARG D 50 -10.69 29.49 -25.73
N THR D 51 -11.35 29.79 -26.85
CA THR D 51 -12.70 30.32 -26.83
C THR D 51 -13.60 29.17 -26.41
N TYR D 52 -13.36 28.03 -27.04
CA TYR D 52 -14.10 26.81 -26.77
C TYR D 52 -13.93 26.46 -25.29
N PHE D 53 -12.75 26.70 -24.76
CA PHE D 53 -12.48 26.43 -23.35
C PHE D 53 -13.40 27.25 -22.44
N MET D 54 -13.47 28.55 -22.71
CA MET D 54 -14.33 29.43 -21.91
C MET D 54 -15.79 29.03 -22.05
N GLU D 55 -16.17 28.60 -23.25
CA GLU D 55 -17.53 28.16 -23.49
C GLU D 55 -17.82 26.90 -22.68
N ARG D 56 -16.86 25.96 -22.70
CA ARG D 56 -17.01 24.70 -21.97
C ARG D 56 -16.90 24.91 -20.47
N LEU D 57 -16.09 25.89 -20.06
CA LEU D 57 -15.92 26.18 -18.65
C LEU D 57 -17.26 26.57 -18.05
N ARG D 58 -17.99 27.41 -18.76
CA ARG D 58 -19.31 27.86 -18.34
C ARG D 58 -20.23 26.65 -18.20
N HIS D 59 -20.16 25.78 -19.21
CA HIS D 59 -20.97 24.56 -19.26
C HIS D 59 -20.81 23.67 -18.03
N TYR D 60 -19.56 23.37 -17.67
CA TYR D 60 -19.30 22.52 -16.52
C TYR D 60 -19.63 23.18 -15.18
N ARG D 61 -19.54 24.51 -15.13
CA ARG D 61 -19.86 25.22 -13.90
C ARG D 61 -21.33 24.99 -13.56
N GLN D 62 -22.17 24.91 -14.59
CA GLN D 62 -23.59 24.66 -14.39
C GLN D 62 -23.80 23.23 -13.88
N LEU D 63 -23.02 22.30 -14.42
CA LEU D 63 -23.12 20.90 -14.01
C LEU D 63 -22.71 20.74 -12.54
N SER D 64 -21.89 21.65 -12.05
CA SER D 64 -21.43 21.60 -10.67
C SER D 64 -22.64 21.72 -9.73
N LEU D 65 -23.67 22.42 -10.19
CA LEU D 65 -24.88 22.64 -9.40
C LEU D 65 -25.61 21.36 -9.03
N GLN D 66 -25.31 20.26 -9.72
CA GLN D 66 -25.95 18.98 -9.43
C GLN D 66 -25.15 18.23 -8.38
N LEU D 67 -23.89 18.62 -8.21
CA LEU D 67 -23.00 17.95 -7.27
C LEU D 67 -22.86 18.70 -5.93
N PRO D 68 -22.52 17.98 -4.86
CA PRO D 68 -22.36 18.57 -3.52
C PRO D 68 -21.12 19.45 -3.39
N LYS D 69 -21.29 20.59 -2.73
CA LYS D 69 -20.20 21.53 -2.53
C LYS D 69 -19.14 20.90 -1.62
N GLY D 70 -17.96 21.51 -1.57
CA GLY D 70 -16.90 20.99 -0.74
C GLY D 70 -17.32 20.89 0.72
N SER D 71 -18.04 21.92 1.18
CA SER D 71 -18.52 21.97 2.56
C SER D 71 -19.83 21.20 2.75
N ASP D 72 -19.91 20.01 2.17
CA ASP D 72 -21.11 19.18 2.27
C ASP D 72 -20.82 17.86 2.95
N PRO D 73 -21.87 17.19 3.45
CA PRO D 73 -21.77 15.90 4.14
C PRO D 73 -21.05 14.84 3.30
N ALA D 74 -21.34 14.82 2.00
CA ALA D 74 -20.71 13.86 1.11
C ALA D 74 -19.19 13.87 1.25
N TYR D 75 -18.63 15.03 1.54
CA TYR D 75 -17.18 15.17 1.69
C TYR D 75 -16.72 15.26 3.13
N GLN D 76 -17.56 14.85 4.07
CA GLN D 76 -17.20 14.88 5.49
C GLN D 76 -17.24 13.49 6.12
MN MN E . -0.85 -7.09 16.60
MN MN F . 1.82 -8.24 19.03
P TMP G . -0.79 -6.15 19.27
O1P TMP G . -1.89 -5.91 18.25
O2P TMP G . -1.31 -6.67 20.58
O3P TMP G . 0.32 -7.03 18.70
O5' TMP G . -0.14 -4.68 19.58
C5' TMP G . 0.74 -4.05 18.62
C4' TMP G . 1.25 -2.72 19.15
O4' TMP G . 0.15 -1.86 19.53
C3' TMP G . 2.11 -2.79 20.40
O3' TMP G . 3.47 -3.12 20.13
C2' TMP G . 2.03 -1.36 20.91
C1' TMP G . 0.58 -0.99 20.57
N1 TMP G . -0.33 -1.16 21.73
C2 TMP G . -0.42 -0.09 22.61
O2 TMP G . 0.15 0.97 22.44
N3 TMP G . -1.21 -0.32 23.70
C4 TMP G . -1.91 -1.47 24.01
O4 TMP G . -2.54 -1.54 25.06
C5 TMP G . -1.79 -2.53 23.04
C5M TMP G . -2.51 -3.83 23.29
C6 TMP G . -1.02 -2.33 21.96
MN MN H . -2.24 6.77 -13.98
MN MN I . -1.44 3.28 -12.74
MN MN J . -2.38 19.90 -20.75
P TMP K . -1.65 5.48 -10.97
O1P TMP K . -1.19 4.11 -10.54
O2P TMP K . -0.69 6.59 -10.57
O3P TMP K . -2.02 5.53 -12.45
O5' TMP K . -3.03 5.79 -10.14
C5' TMP K . -4.27 5.17 -10.55
C4' TMP K . -5.38 5.46 -9.56
O4' TMP K . -5.00 5.06 -8.22
C3' TMP K . -5.74 6.94 -9.41
O3' TMP K . -6.64 7.36 -10.44
C2' TMP K . -6.44 6.95 -8.07
C1' TMP K . -5.67 5.90 -7.27
N1 TMP K . -4.66 6.49 -6.36
C2 TMP K . -5.14 7.09 -5.20
O2 TMP K . -6.32 7.15 -4.90
N3 TMP K . -4.17 7.63 -4.40
C4 TMP K . -2.80 7.64 -4.63
O4 TMP K . -2.04 8.18 -3.81
C5 TMP K . -2.38 7.01 -5.86
C5M TMP K . -0.92 7.01 -6.20
C6 TMP K . -3.31 6.47 -6.65
C1 EDO L . 3.05 2.18 -9.47
O1 EDO L . 4.21 3.18 -9.32
C2 EDO L . 1.81 2.75 -10.16
O2 EDO L . 1.16 3.81 -9.22
#